data_2TOB
#
_entry.id   2TOB
#
_cell.length_a   1.000
_cell.length_b   1.000
_cell.length_c   1.000
_cell.angle_alpha   90.00
_cell.angle_beta   90.00
_cell.angle_gamma   90.00
#
_symmetry.space_group_name_H-M   'P 1'
#
loop_
_entity.id
_entity.type
_entity.pdbx_description
1 polymer "RNA (5'-R(*AP*CP*UP*UP*GP*GP*UP*UP*UP*AP*GP*GP*UP*AP*AP*UP*GP*AP*GP*U)-3')"
2 non-polymer 3-ammonio-3-deoxy-alpha-D-glucopyranose
3 non-polymer 2,6-diammonio-2,3,6-trideoxy-alpha-D-glucopyranose
4 non-polymer 1,3-DIAMINO-4,5,6-TRIHYDROXY-CYCLOHEXANE
#
_entity_poly.entity_id   1
_entity_poly.type   'polyribonucleotide'
_entity_poly.pdbx_seq_one_letter_code
;ACUUGGUUUAGGUAAUGAGU
;
_entity_poly.pdbx_strand_id   A
#
loop_
_chem_comp.id
_chem_comp.type
_chem_comp.name
_chem_comp.formula
2TB non-polymer 1,3-DIAMINO-4,5,6-TRIHYDROXY-CYCLOHEXANE 'C6 H16 N2 O3 2'
A RNA linking ADENOSINE-5'-MONOPHOSPHATE 'C10 H14 N5 O7 P'
C RNA linking CYTIDINE-5'-MONOPHOSPHATE 'C9 H14 N3 O8 P'
G RNA linking GUANOSINE-5'-MONOPHOSPHATE 'C10 H14 N5 O8 P'
TOA D-saccharide, alpha linking 3-ammonio-3-deoxy-alpha-D-glucopyranose 'C6 H14 N O5 1'
TOC D-saccharide, alpha linking 2,6-diammonio-2,3,6-trideoxy-alpha-D-glucopyranose 'C6 H16 N2 O3 2'
U RNA linking URIDINE-5'-MONOPHOSPHATE 'C9 H13 N2 O9 P'
#
# COMPACT_ATOMS: atom_id res chain seq x y z
C1 TOA B . 0.98 -0.23 -3.42
C2 TOA B . 1.93 -0.36 -4.60
C3 TOA B . 3.09 0.62 -4.41
C4 TOA B . 2.57 2.05 -4.20
C5 TOA B . 1.52 2.08 -3.09
C6 TOA B . 0.83 3.42 -2.90
O2 TOA B . 2.43 -1.69 -4.68
N3 TOA B . 4.14 0.67 -5.47
O4 TOA B . 3.66 2.90 -3.85
O5 TOA B . 0.50 1.10 -3.36
O6 TOA B . -0.13 3.35 -1.85
H1 TOA B . 0.09 -0.88 -3.53
H2 TOA B . 1.38 -0.07 -5.50
H3 TOA B . 3.56 0.36 -3.46
H4 TOA B . 2.09 2.40 -5.13
H5 TOA B . 2.01 1.81 -2.14
H61 TOA B . 0.38 3.75 -3.84
H62 TOA B . 1.56 4.22 -2.68
HO2 TOA B . 1.78 -2.29 -5.08
HN31 TOA B . 4.78 -0.16 -5.40
HN32 TOA B . 3.80 0.73 -6.47
HN33 TOA B . 4.72 1.51 -5.26
HO4 TOA B . 3.42 3.83 -3.70
HO6 TOA B . -0.99 3.67 -2.20
C1 TOC C . -2.23 0.14 1.44
C2 TOC C . -2.41 1.67 1.48
C3 TOC C . -2.55 2.15 2.92
C4 TOC C . -3.67 1.38 3.61
C5 TOC C . -3.33 -0.11 3.56
C6 TOC C . -4.40 -0.94 4.24
N2 TOC C . -1.23 2.32 0.85
N6 TOC C . -4.54 -0.46 5.66
O4 TOC C . -3.81 1.80 4.96
O5 TOC C . -3.24 -0.53 2.19
H1 TOC C . -2.41 -0.24 0.41
H2 TOC C . -3.32 1.88 0.90
H3 TOC C . -2.74 3.24 2.94
H32 TOC C . -1.62 1.98 3.48
H4 TOC C . -4.55 1.46 2.96
H5 TOC C . -2.34 -0.29 4.00
H61 TOC C . -4.12 -2.00 4.23
H62 TOC C . -5.36 -0.83 3.71
HN21 TOC C . -1.37 3.34 0.67
HN22 TOC C . -0.36 2.18 1.42
HN23 TOC C . -1.05 1.87 -0.08
HN61 TOC C . -5.40 -0.82 6.12
HN62 TOC C . -3.72 -0.68 6.24
HN63 TOC C . -4.58 0.60 5.59
HO4 TOC C . -4.00 2.76 5.01
C1 2TB D . 1.95 -2.27 -0.55
C2 2TB D . 1.41 -2.90 0.73
C3 2TB D . 0.83 -1.87 1.69
C4 2TB D . -0.28 -1.11 0.95
C5 2TB D . 0.33 -0.34 -0.22
C6 2TB D . 0.95 -1.32 -1.24
N1 2TB D . 2.36 -3.32 -1.54
N3 2TB D . 0.31 -2.52 2.93
O5 2TB D . -0.69 0.44 -0.84
O4 2TB D . -0.94 -0.20 1.85
O6 2TB D . 1.66 -0.57 -2.25
H1 2TB D . 2.84 -1.66 -0.35
H21 2TB D . 2.23 -3.44 1.23
H22 2TB D . 0.67 -3.65 0.50
H3 2TB D . 1.55 -1.09 1.99
H4 2TB D . -1.12 -1.76 0.69
H5 2TB D . 1.12 0.32 0.16
H6 2TB D . 0.14 -1.87 -1.71
HN11 2TB D . 3.15 -3.91 -1.16
HN12 2TB D . 1.59 -3.97 -1.82
HN13 2TB D . 2.72 -2.88 -2.41
HN31 2TB D . -0.28 -1.83 3.45
HN32 2TB D . -0.26 -3.37 2.76
HN33 2TB D . 1.09 -2.78 3.58
HO5 2TB D . -0.34 1.05 -1.51
C1 TOA B . 1.03 -1.15 -3.10
C2 TOA B . 1.98 -1.46 -4.26
C3 TOA B . 3.11 -0.45 -4.25
C4 TOA B . 2.56 0.98 -4.29
C5 TOA B . 1.54 1.17 -3.17
C6 TOA B . 0.84 2.52 -3.23
O2 TOA B . 2.50 -2.78 -4.13
N3 TOA B . 4.18 -0.52 -5.30
O4 TOA B . 3.65 1.89 -4.13
O5 TOA B . 0.53 0.16 -3.25
O6 TOA B . 0.18 2.81 -2.00
H1 TOA B . 0.16 -1.84 -3.09
H2 TOA B . 1.40 -1.34 -5.18
H3 TOA B . 3.64 -0.54 -3.30
H4 TOA B . 2.05 1.14 -5.25
H5 TOA B . 2.10 1.10 -2.22
H61 TOA B . 0.09 2.46 -4.01
H62 TOA B . 1.53 3.33 -3.51
HO2 TOA B . 1.86 -3.46 -4.36
HN31 TOA B . 4.86 -1.30 -5.08
HN32 TOA B . 3.86 -0.62 -6.29
HN33 TOA B . 4.69 0.38 -5.19
HO4 TOA B . 3.40 2.83 -4.12
HO6 TOA B . -0.40 3.56 -2.24
C1 TOC C . -2.07 0.09 1.77
C2 TOC C . -2.31 1.59 1.51
C3 TOC C . -2.33 2.37 2.83
C4 TOC C . -3.34 1.73 3.76
C5 TOC C . -2.97 0.27 3.99
C6 TOC C . -3.97 -0.41 4.92
N2 TOC C . -1.23 2.12 0.62
N6 TOC C . -4.00 0.36 6.21
O4 TOC C . -3.35 2.43 5.00
O5 TOC C . -2.98 -0.42 2.73
H1 TOC C . -2.31 -0.48 0.86
H2 TOC C . -3.27 1.63 0.99
H3 TOC C . -2.55 3.43 2.65
H32 TOC C . -1.35 2.29 3.32
H4 TOC C . -4.28 1.70 3.21
H5 TOC C . -1.94 0.19 4.37
H61 TOC C . -3.65 -1.45 5.10
H62 TOC C . -4.97 -0.41 4.46
HN21 TOC C . -1.07 1.43 -0.15
HN22 TOC C . -1.49 3.04 0.20
HN23 TOC C . -0.32 2.20 1.14
HN61 TOC C . -4.05 1.38 5.93
HN62 TOC C . -4.82 0.12 6.79
HN63 TOC C . -3.14 0.26 6.77
HO4 TOC C . -3.40 3.40 4.87
C1 2TB D . 2.01 -2.67 0.06
C2 2TB D . 1.54 -3.02 1.47
C3 2TB D . 1.02 -1.80 2.23
C4 2TB D . -0.11 -1.19 1.41
C5 2TB D . 0.43 -0.67 0.08
C6 2TB D . 1.02 -1.82 -0.76
N1 2TB D . 2.33 -3.92 -0.73
N3 2TB D . 0.58 -2.18 3.60
O5 2TB D . -0.62 -0.03 -0.64
O4 2TB D . -0.73 -0.12 2.14
O6 2TB D . 1.73 -1.29 -1.90
H1 2TB D . 2.95 -2.09 0.11
H21 2TB D . 2.37 -3.47 2.02
H22 2TB D . 0.77 -3.79 1.43
H3 2TB D . 1.78 -1.01 2.30
H4 2TB D . -0.96 -1.89 1.32
H5 2TB D . 1.21 0.07 0.30
H6 2TB D . 0.18 -2.44 -1.11
HN11 2TB D . 2.74 -3.64 -1.65
HN12 2TB D . 3.06 -4.50 -0.28
HN13 2TB D . 1.50 -4.53 -0.94
HN31 2TB D . 1.41 -2.33 4.24
HN32 2TB D . 0.06 -1.38 4.01
HN33 2TB D . -0.01 -3.02 3.64
HO5 2TB D . -0.30 0.44 -1.42
C1 TOA B . 1.04 -0.89 -3.28
C2 TOA B . 1.95 -1.22 -4.46
C3 TOA B . 3.19 -0.32 -4.38
C4 TOA B . 2.78 1.15 -4.36
C5 TOA B . 1.77 1.39 -3.22
C6 TOA B . 1.21 2.80 -3.21
O2 TOA B . 2.33 -2.59 -4.41
N3 TOA B . 4.24 -0.50 -5.44
O4 TOA B . 3.94 1.95 -4.15
O5 TOA B . 0.66 0.48 -3.36
O6 TOA B . 0.21 2.95 -2.22
H1 TOA B . 0.11 -1.49 -3.31
H2 TOA B . 1.41 -0.99 -5.37
H3 TOA B . 3.64 -0.50 -3.40
H4 TOA B . 2.31 1.40 -5.31
H5 TOA B . 2.25 1.19 -2.26
H61 TOA B . 0.83 3.02 -4.21
H62 TOA B . 2.02 3.54 -3.07
HO2 TOA B . 1.62 -3.18 -4.68
HN31 TOA B . 4.90 0.30 -5.29
HN32 TOA B . 4.79 -1.36 -5.30
HN33 TOA B . 3.89 -0.47 -6.42
HO4 TOA B . 3.76 2.90 -4.12
HO6 TOA B . -0.40 3.60 -2.63
C1 TOC C . -2.19 0.06 1.53
C2 TOC C . -2.38 1.57 1.37
C3 TOC C . -2.42 2.25 2.74
C4 TOC C . -3.48 1.56 3.60
C5 TOC C . -3.16 0.08 3.73
C6 TOC C . -4.20 -0.64 4.55
N2 TOC C . -1.26 2.15 0.57
N6 TOC C . -4.27 0.03 5.91
O4 TOC C . -3.51 2.16 4.89
O5 TOC C . -3.14 -0.51 2.42
H1 TOC C . -2.39 -0.45 0.56
H2 TOC C . -3.32 1.68 0.84
H3 TOC C . -2.62 3.32 2.63
H32 TOC C . -1.45 2.13 3.26
H4 TOC C . -4.41 1.60 3.02
H5 TOC C . -2.15 -0.06 4.13
H61 TOC C . -3.92 -1.70 4.67
H62 TOC C . -5.18 -0.59 4.06
HN21 TOC C . -1.12 1.54 -0.27
HN22 TOC C . -1.51 3.11 0.24
HN23 TOC C . -0.36 2.15 1.10
HN61 TOC C . -3.42 -0.15 6.48
HN62 TOC C . -4.27 1.07 5.70
HN63 TOC C . -5.12 -0.24 6.44
HO4 TOC C . -3.55 3.14 4.85
C1 2TB D . 1.96 -2.63 -0.20
C2 2TB D . 1.40 -3.10 1.15
C3 2TB D . 0.84 -1.94 1.96
C4 2TB D . -0.24 -1.25 1.15
C5 2TB D . 0.37 -0.65 -0.12
C6 2TB D . 0.98 -1.75 -1.00
N1 2TB D . 2.37 -3.81 -1.05
N3 2TB D . 0.32 -2.43 3.28
O5 2TB D . -0.63 0.06 -0.84
O4 2TB D . -0.87 -0.22 1.93
O6 2TB D . 1.72 -1.16 -2.09
H1 2TB D . 2.87 -2.02 -0.05
H21 2TB D . 2.20 -3.62 1.70
H22 2TB D . 0.62 -3.83 0.99
H3 2TB D . 1.60 -1.17 2.17
H4 2TB D . -1.09 -1.91 0.97
H5 2TB D . 1.16 0.06 0.18
H6 2TB D . 0.16 -2.36 -1.41
HN11 2TB D . 3.14 -4.36 -0.60
HN12 2TB D . 1.61 -4.46 -1.34
HN13 2TB D . 2.79 -3.44 -1.93
HN31 2TB D . 1.11 -2.70 3.94
HN32 2TB D . -0.20 -1.67 3.74
HN33 2TB D . -0.31 -3.27 3.19
HO5 2TB D . -0.28 0.59 -1.56
C1 TOA B . 0.86 -0.86 -3.02
C2 TOA B . 1.77 -1.03 -4.23
C3 TOA B . 2.89 0.00 -4.15
C4 TOA B . 2.31 1.42 -4.04
C5 TOA B . 1.33 1.47 -2.87
C6 TOA B . 0.61 2.81 -2.76
O2 TOA B . 2.31 -2.34 -4.25
N3 TOA B . 3.93 0.02 -5.23
O4 TOA B . 3.38 2.34 -3.83
O5 TOA B . 0.32 0.45 -3.03
O6 TOA B . -0.14 2.88 -1.54
H1 TOA B . 0.00 -1.55 -3.04
H2 TOA B . 1.15 -0.83 -5.11
H3 TOA B . 3.40 -0.15 -3.21
H4 TOA B . 1.77 1.66 -4.97
H5 TOA B . 1.89 1.31 -1.94
H61 TOA B . -0.06 2.89 -3.61
H62 TOA B . 1.31 3.66 -2.82
HO2 TOA B . 1.66 -3.00 -4.55
HN31 TOA B . 3.57 -0.02 -6.22
HN32 TOA B . 4.44 0.91 -5.10
HN33 TOA B . 4.61 -0.76 -5.10
HO4 TOA B . 3.12 3.27 -3.79
HO6 TOA B . -0.79 3.60 -1.68
C1 TOC C . -2.16 0.03 1.94
C2 TOC C . -2.42 1.53 1.76
C3 TOC C . -2.42 2.24 3.11
C4 TOC C . -3.40 1.56 4.04
C5 TOC C . -3.02 0.10 4.19
C6 TOC C . -3.98 -0.64 5.09
N2 TOC C . -1.36 2.12 0.88
N6 TOC C . -4.00 0.07 6.41
O4 TOC C . -3.40 2.19 5.30
O5 TOC C . -3.06 -0.54 2.90
H1 TOC C . -2.40 -0.52 1.00
H2 TOC C . -3.40 1.59 1.25
H3 TOC C . -2.67 3.31 2.97
H32 TOC C . -1.43 2.18 3.57
H4 TOC C . -4.36 1.54 3.50
H5 TOC C . -1.98 0.00 4.53
H61 TOC C . -3.65 -1.69 5.23
H62 TOC C . -5.00 -0.64 4.66
HN21 TOC C . -1.64 3.05 0.48
HN22 TOC C . -0.46 2.20 1.39
HN23 TOC C . -1.20 1.46 0.08
HN61 TOC C . -3.13 -0.05 6.96
HN62 TOC C . -4.06 1.10 6.18
HN63 TOC C . -4.82 -0.20 7.01
HO4 TOC C . -3.43 3.17 5.21
C1 2TB D . 1.96 -2.55 0.02
C2 2TB D . 1.49 -3.02 1.40
C3 2TB D . 0.96 -1.86 2.24
C4 2TB D . -0.19 -1.21 1.48
C5 2TB D . 0.33 -0.61 0.18
C6 2TB D . 0.93 -1.70 -0.73
N1 2TB D . 2.33 -3.73 -0.85
N3 2TB D . 0.53 -2.33 3.60
O5 2TB D . -0.73 0.06 -0.48
O4 2TB D . -0.82 -0.20 2.28
O6 2TB D . 1.60 -1.09 -1.86
H1 2TB D . 2.87 -1.94 0.11
H21 2TB D . 2.33 -3.50 1.93
H22 2TB D . 0.72 -3.77 1.31
H3 2TB D . 1.71 -1.05 2.38
H4 2TB D . -1.04 -1.90 1.35
H5 2TB D . 1.12 0.12 0.44
H6 2TB D . 0.09 -2.30 -1.11
HN11 2TB D . 3.11 -4.29 -0.44
HN12 2TB D . 1.55 -4.38 -1.06
HN13 2TB D . 2.70 -3.38 -1.76
HN31 2TB D . 0.01 -1.56 4.07
HN32 2TB D . -0.07 -3.18 3.57
HN33 2TB D . 1.37 -2.54 4.21
HO5 2TB D . -0.42 0.66 -1.18
C1 TOA B . 0.66 -0.75 -3.22
C2 TOA B . 1.49 -1.03 -4.47
C3 TOA B . 2.59 0.03 -4.60
C4 TOA B . 1.98 1.44 -4.58
C5 TOA B . 1.12 1.60 -3.33
C6 TOA B . 0.39 2.93 -3.24
O2 TOA B . 2.08 -2.33 -4.37
N3 TOA B . 3.50 -0.05 -5.78
O4 TOA B . 3.03 2.40 -4.57
O5 TOA B . 0.12 0.56 -3.30
O6 TOA B . -0.32 3.02 -2.01
H1 TOA B . -0.20 -1.44 -3.15
H2 TOA B . 0.80 -0.95 -5.32
H3 TOA B . 3.21 0.00 -3.70
H4 TOA B . 1.34 1.53 -5.46
H5 TOA B . 1.76 1.51 -2.44
H61 TOA B . -0.30 3.02 -4.08
H62 TOA B . 1.11 3.76 -3.32
HO2 TOA B . 1.41 -3.02 -4.39
HN31 TOA B . 4.01 0.87 -5.81
HN32 TOA B . 4.22 -0.80 -5.62
HN33 TOA B . 3.05 -0.22 -6.70
HO4 TOA B . 2.73 3.29 -4.83
HO6 TOA B . -1.21 3.37 -2.23
C1 TOC C . -2.03 0.24 1.87
C2 TOC C . -2.25 1.76 1.75
C3 TOC C . -2.23 2.41 3.14
C4 TOC C . -3.22 1.70 4.03
C5 TOC C . -2.87 0.22 4.11
C6 TOC C . -3.85 -0.54 5.00
N2 TOC C . -1.18 2.35 0.90
N6 TOC C . -3.85 0.10 6.35
O4 TOC C . -3.19 2.27 5.34
O5 TOC C . -2.93 -0.35 2.80
H1 TOC C . -2.29 -0.25 0.91
H2 TOC C . -3.23 1.89 1.25
H3 TOC C . -2.44 3.49 3.06
H32 TOC C . -1.22 2.29 3.59
H4 TOC C . -4.18 1.73 3.51
H5 TOC C . -1.84 0.08 4.45
H61 TOC C . -3.55 -1.59 5.08
H62 TOC C . -4.87 -0.49 4.56
HN21 TOC C . -1.37 3.33 0.58
HN22 TOC C . -0.27 2.34 1.41
HN23 TOC C . -1.06 1.75 0.04
HN61 TOC C . -4.67 -0.18 6.93
HN62 TOC C . -2.98 -0.06 6.87
HN63 TOC C . -3.88 1.15 6.17
HO4 TOC C . -3.26 3.25 5.30
C1 2TB D . 1.98 -2.35 -0.24
C2 2TB D . 1.59 -2.83 1.17
C3 2TB D . 1.07 -1.70 2.04
C4 2TB D . -0.10 -1.02 1.33
C5 2TB D . 0.40 -0.39 0.04
C6 2TB D . 0.91 -1.49 -0.91
N1 2TB D . 2.33 -3.49 -1.16
N3 2TB D . 0.66 -2.19 3.40
O5 2TB D . -0.66 0.34 -0.57
O4 2TB D . -0.69 -0.02 2.17
O6 2TB D . 1.49 -0.89 -2.09
H1 2TB D . 2.87 -1.69 -0.20
H21 2TB D . 2.47 -3.30 1.63
H22 2TB D . 0.84 -3.61 1.11
H3 2TB D . 1.84 -0.91 2.19
H4 2TB D . -0.95 -1.71 1.21
H5 2TB D . 1.23 0.29 0.26
H6 2TB D . 0.01 -2.06 -1.17
HN11 2TB D . 1.66 -4.29 -1.22
HN12 2TB D . 2.45 -3.10 -2.13
HN13 2TB D . 3.26 -3.87 -0.88
HN31 2TB D . 1.49 -2.40 4.00
HN32 2TB D . 0.14 -1.44 3.88
HN33 2TB D . 0.06 -3.05 3.35
HO5 2TB D . -0.36 0.86 -1.33
C1 TOA B . 0.74 -0.78 -3.15
C2 TOA B . 1.59 -0.81 -4.41
C3 TOA B . 2.69 0.25 -4.32
C4 TOA B . 2.11 1.63 -3.96
C5 TOA B . 1.14 1.55 -2.78
C6 TOA B . 0.37 2.84 -2.55
O2 TOA B . 2.17 -2.10 -4.58
N3 TOA B . 3.50 0.41 -5.58
O4 TOA B . 3.18 2.51 -3.65
O5 TOA B . 0.17 0.51 -3.01
O6 TOA B . -0.47 2.74 -1.39
H1 TOA B . -0.09 -1.51 -3.18
H2 TOA B . 0.91 -0.59 -5.23
H3 TOA B . 3.40 -0.04 -3.54
H4 TOA B . 1.56 2.01 -4.82
H5 TOA B . 1.72 1.32 -1.87
H61 TOA B . -0.25 3.03 -3.43
H62 TOA B . 1.04 3.72 -2.47
HO2 TOA B . 1.51 -2.77 -4.80
HN31 TOA B . 4.07 -0.43 -5.75
HN32 TOA B . 2.95 0.63 -6.44
HN33 TOA B . 4.17 1.19 -5.39
HO4 TOA B . 2.93 3.44 -3.51
HO6 TOA B . -1.33 3.10 -1.67
C1 TOC C . -2.08 0.06 1.84
C2 TOC C . -2.29 1.58 1.88
C3 TOC C . -2.38 2.09 3.32
C4 TOC C . -3.42 1.30 4.07
C5 TOC C . -3.05 -0.17 4.05
C6 TOC C . -4.06 -1.03 4.79
N2 TOC C . -1.14 2.29 1.21
N6 TOC C . -4.16 -0.50 6.20
O4 TOC C . -3.52 1.75 5.42
O5 TOC C . -3.01 -0.63 2.69
H1 TOC C . -2.35 -0.34 0.85
H2 TOC C . -3.24 1.81 1.37
H3 TOC C . -2.60 3.18 3.33
H32 TOC C . -1.41 1.97 3.83
H4 TOC C . -4.36 1.34 3.49
H5 TOC C . -2.03 -0.30 4.46
H61 TOC C . -3.73 -2.08 4.81
H62 TOC C . -5.04 -0.97 4.30
HN21 TOC C . -0.23 2.03 1.64
HN22 TOC C . -1.03 2.17 0.16
HN23 TOC C . -1.27 3.31 1.33
HN61 TOC C . -3.31 -0.68 6.77
HN62 TOC C . -4.24 0.55 6.11
HN63 TOC C . -4.99 -0.88 6.70
HO4 TOC C . -3.75 2.71 5.46
C1 2TB D . 1.99 -2.56 -0.18
C2 2TB D . 1.54 -3.06 1.20
C3 2TB D . 1.01 -1.92 2.05
C4 2TB D . -0.18 -1.28 1.34
C5 2TB D . 0.26 -0.68 0.00
C6 2TB D . 0.91 -1.75 -0.91
N1 2TB D . 2.38 -3.71 -1.07
N3 2TB D . 0.63 -2.42 3.41
O5 2TB D . -0.89 -0.15 -0.65
O4 2TB D . -0.75 -0.25 2.17
O6 2TB D . 1.55 -1.10 -2.04
H1 2TB D . 2.88 -1.92 -0.07
H21 2TB D . 2.39 -3.56 1.69
H22 2TB D . 0.77 -3.81 1.10
H3 2TB D . 1.75 -1.10 2.19
H4 2TB D . -1.02 -1.98 1.24
H5 2TB D . 0.98 0.12 0.22
H6 2TB D . 0.10 -2.39 -1.29
HN11 2TB D . 3.16 -4.27 -0.68
HN12 2TB D . 1.59 -4.35 -1.33
HN13 2TB D . 2.73 -3.31 -1.96
HN31 2TB D . 1.46 -2.63 4.02
HN32 2TB D . 0.07 -1.68 3.89
HN33 2TB D . 0.04 -3.28 3.37
HO5 2TB D . -0.72 0.61 -1.21
C1 TOA B . 1.02 -0.66 -3.35
C2 TOA B . 1.93 -1.02 -4.52
C3 TOA B . 3.18 -0.15 -4.47
C4 TOA B . 2.80 1.33 -4.45
C5 TOA B . 1.81 1.60 -3.31
C6 TOA B . 1.28 3.02 -3.30
O2 TOA B . 2.29 -2.40 -4.45
N3 TOA B . 4.22 -0.34 -5.52
O4 TOA B . 3.97 2.11 -4.25
O5 TOA B . 0.68 0.72 -3.44
O6 TOA B . 0.25 3.19 -2.34
H1 TOA B . 0.07 -1.23 -3.36
H2 TOA B . 1.39 -0.80 -5.44
H3 TOA B . 3.65 -0.31 -3.48
H4 TOA B . 2.33 1.59 -5.41
H5 TOA B . 2.29 1.40 -2.35
H61 TOA B . 0.94 3.28 -4.31
H62 TOA B . 2.10 3.72 -3.11
HO2 TOA B . 1.55 -2.97 -4.75
HN31 TOA B . 4.89 0.45 -5.40
HN32 TOA B . 4.78 -1.21 -5.39
HN33 TOA B . 3.86 -0.34 -6.51
HO4 TOA B . 3.81 3.07 -4.23
HO6 TOA B . -0.37 3.82 -2.76
C1 TOC C . -2.27 0.20 1.42
C2 TOC C . -2.48 1.71 1.29
C3 TOC C . -2.58 2.36 2.68
C4 TOC C . -3.63 1.64 3.49
C5 TOC C . -3.29 0.17 3.59
C6 TOC C . -4.34 -0.60 4.38
N2 TOC C . -1.35 2.32 0.53
N6 TOC C . -4.46 0.04 5.73
O4 TOC C . -3.71 2.22 4.80
O5 TOC C . -3.23 -0.41 2.27
H1 TOC C . -2.44 -0.29 0.44
H2 TOC C . -3.42 1.80 0.72
H3 TOC C . -2.78 3.44 2.58
H32 TOC C . -1.61 2.24 3.20
H4 TOC C . -4.55 1.68 2.89
H5 TOC C . -2.29 0.04 4.02
H61 TOC C . -4.04 -1.65 4.49
H62 TOC C . -5.31 -0.54 3.86
HN21 TOC C . -1.63 3.27 0.20
HN22 TOC C . -0.49 2.35 1.08
HN23 TOC C . -1.17 1.73 -0.32
HN61 TOC C . -3.63 -0.12 6.34
HN62 TOC C . -4.48 1.09 5.55
HN63 TOC C . -5.33 -0.24 6.24
HO4 TOC C . -3.72 3.20 4.76
C1 2TB D . 1.93 -2.42 -0.27
C2 2TB D . 1.36 -2.90 1.06
C3 2TB D . 0.79 -1.76 1.89
C4 2TB D . -0.29 -1.07 1.07
C5 2TB D . 0.34 -0.46 -0.19
C6 2TB D . 0.96 -1.54 -1.07
N1 2TB D . 2.36 -3.57 -1.12
N3 2TB D . 0.27 -2.26 3.20
O5 2TB D . -0.67 0.26 -0.91
O4 2TB D . -0.95 -0.05 1.84
O6 2TB D . 1.70 -0.93 -2.15
H1 2TB D . 2.82 -1.80 -0.11
H21 2TB D . 2.15 -3.42 1.63
H22 2TB D . 0.58 -3.65 0.88
H3 2TB D . 1.55 -0.98 2.10
H4 2TB D . -1.14 -1.75 0.86
H5 2TB D . 1.12 0.24 0.13
H6 2TB D . 0.15 -2.15 -1.49
HN11 2TB D . 2.74 -3.21 -2.02
HN12 2TB D . 3.15 -4.11 -0.68
HN13 2TB D . 1.61 -4.25 -1.36
HN31 2TB D . 1.06 -2.56 3.85
HN32 2TB D . -0.22 -1.48 3.69
HN33 2TB D . -0.38 -3.06 3.10
HO5 2TB D . -0.30 0.80 -1.63
C1 TOA B . 0.63 -0.49 -3.12
C2 TOA B . 1.49 -0.59 -4.38
C3 TOA B . 2.60 0.46 -4.31
C4 TOA B . 2.00 1.86 -4.11
C5 TOA B . 1.07 1.85 -2.90
C6 TOA B . 0.33 3.15 -2.67
O2 TOA B . 2.06 -1.89 -4.48
N3 TOA B . 3.58 0.54 -5.44
O4 TOA B . 3.06 2.79 -3.91
O5 TOA B . 0.08 0.81 -3.05
O6 TOA B . -0.34 3.17 -1.42
H1 TOA B . -0.22 -1.20 -3.14
H2 TOA B . 0.83 -0.38 -5.22
H3 TOA B . 3.18 0.26 -3.41
H4 TOA B . 1.41 2.12 -4.99
H5 TOA B . 1.69 1.65 -2.00
H61 TOA B . -0.40 3.23 -3.48
H62 TOA B . 1.01 4.02 -2.77
HO2 TOA B . 1.39 -2.58 -4.68
HN31 TOA B . 4.28 -0.23 -5.36
HN32 TOA B . 3.20 0.55 -6.42
HN33 TOA B . 4.09 1.43 -5.29
HO4 TOA B . 2.79 3.70 -3.78
HO6 TOA B . -1.00 3.86 -1.48
C1 TOC C . -2.13 0.16 2.04
C2 TOC C . -2.40 1.67 2.01
C3 TOC C . -2.30 2.25 3.43
C4 TOC C . -3.22 1.48 4.35
C5 TOC C . -2.86 0.00 4.33
C6 TOC C . -3.79 -0.81 5.21
N2 TOC C . -1.40 2.34 1.12
N6 TOC C . -3.73 -0.24 6.60
O4 TOC C . -3.12 1.97 5.68
O5 TOC C . -2.98 -0.50 2.98
H1 TOC C . -2.42 -0.29 1.07
H2 TOC C . -3.41 1.77 1.58
H3 TOC C . -2.53 3.33 3.42
H32 TOC C . -1.27 2.14 3.80
H4 TOC C . -4.22 1.52 3.89
H5 TOC C . -1.81 -0.13 4.62
H61 TOC C . -3.46 -1.87 5.22
H62 TOC C . -4.81 -0.76 4.82
HN21 TOC C . -1.75 3.25 0.74
HN22 TOC C . -0.50 2.46 1.60
HN23 TOC C . -1.24 1.71 0.29
HN61 TOC C . -3.78 0.81 6.48
HN62 TOC C . -4.51 -0.57 7.20
HN63 TOC C . -2.83 -0.43 7.08
HO4 TOC C . -3.19 2.95 5.71
C1 2TB D . 1.87 -2.33 -0.23
C2 2TB D . 1.47 -2.85 1.16
C3 2TB D . 0.98 -1.74 2.07
C4 2TB D . -0.19 -1.06 1.41
C5 2TB D . 0.27 -0.38 0.12
C6 2TB D . 0.81 -1.43 -0.88
N1 2TB D . 2.19 -3.45 -1.18
N3 2TB D . 0.63 -2.28 3.43
O5 2TB D . -0.83 0.33 -0.45
O4 2TB D . -0.77 -0.08 2.29
O6 2TB D . 1.43 -0.77 -2.01
H1 2TB D . 2.77 -1.72 -0.14
H21 2TB D . 2.33 -3.36 1.62
H22 2TB D . 0.70 -3.61 1.08
H3 2TB D . 1.74 -0.94 2.22
H4 2TB D . -1.04 -1.75 1.28
H5 2TB D . 1.07 0.32 0.37
H6 2TB D . -0.05 -2.02 -1.24
HN11 2TB D . 2.98 -4.04 -0.85
HN12 2TB D . 1.41 -4.09 -1.44
HN13 2TB D . 2.51 -3.03 -2.07
HN31 2TB D . 0.12 -1.54 3.95
HN32 2TB D . 0.03 -3.13 3.38
HN33 2TB D . 1.49 -2.51 4.00
HO5 2TB D . -0.55 0.95 -1.14
C1 TOA B . 1.04 -0.35 -3.34
C2 TOA B . 1.96 -0.71 -4.50
C3 TOA B . 3.22 0.15 -4.41
C4 TOA B . 2.84 1.63 -4.41
C5 TOA B . 1.85 1.90 -3.27
C6 TOA B . 1.33 3.33 -3.24
O2 TOA B . 2.32 -2.08 -4.44
N3 TOA B . 4.32 -0.02 -5.41
O4 TOA B . 4.02 2.42 -4.23
O5 TOA B . 0.72 1.02 -3.40
O6 TOA B . 0.36 3.50 -2.22
H1 TOA B . 0.09 -0.92 -3.37
H2 TOA B . 1.44 -0.46 -5.43
H3 TOA B . 3.63 0.00 -3.40
H4 TOA B . 2.34 1.89 -5.36
H5 TOA B . 2.33 1.70 -2.31
H61 TOA B . 0.95 3.60 -4.23
H62 TOA B . 2.17 4.03 -3.08
HO2 TOA B . 1.60 -2.65 -4.78
HN31 TOA B . 4.04 0.00 -6.41
HN32 TOA B . 4.94 0.80 -5.23
HN33 TOA B . 4.90 -0.86 -5.21
HO4 TOA B . 3.84 3.37 -4.21
HO6 TOA B . -0.32 4.06 -2.65
C1 TOC C . -2.32 0.29 1.42
C2 TOC C . -2.60 1.79 1.33
C3 TOC C . -2.76 2.39 2.72
C4 TOC C . -3.81 1.61 3.49
C5 TOC C . -3.39 0.14 3.56
C6 TOC C . -4.43 -0.68 4.30
N2 TOC C . -1.47 2.47 0.62
N6 TOC C . -4.63 -0.08 5.66
O4 TOC C . -3.95 2.14 4.80
O5 TOC C . -3.26 -0.39 2.23
H1 TOC C . -2.46 -0.18 0.42
H2 TOC C . -3.51 1.85 0.71
H3 TOC C . -3.02 3.46 2.65
H32 TOC C . -1.83 2.28 3.29
H4 TOC C . -4.71 1.61 2.85
H5 TOC C . -2.40 0.06 4.02
H61 TOC C . -4.08 -1.73 4.40
H62 TOC C . -5.38 -0.68 3.74
HN21 TOC C . -1.15 1.87 -0.19
HN22 TOC C . -1.81 3.38 0.23
HN23 TOC C . -0.68 2.64 1.26
HN61 TOC C . -3.82 -0.22 6.30
HN62 TOC C . -4.69 0.97 5.50
HN63 TOC C . -5.50 -0.42 6.12
HO4 TOC C . -3.93 3.13 4.77
C1 2TB D . 1.88 -2.25 -0.33
C2 2TB D . 1.36 -2.71 1.03
C3 2TB D . 0.82 -1.55 1.86
C4 2TB D . -0.30 -0.90 1.07
C5 2TB D . 0.31 -0.25 -0.17
C6 2TB D . 0.93 -1.31 -1.10
N1 2TB D . 2.20 -3.43 -1.20
N3 2TB D . 0.37 -2.03 3.23
O5 2TB D . -0.70 0.48 -0.87
O4 2TB D . -1.00 0.08 1.86
O6 2TB D . 1.69 -0.66 -2.14
H1 2TB D . 2.80 -1.66 -0.23
H21 2TB D . 2.16 -3.23 1.57
H22 2TB D . 0.55 -3.44 0.90
H3 2TB D . 1.60 -0.79 2.02
H4 2TB D . -1.11 -1.61 0.85
H5 2TB D . 1.11 0.44 0.15
H6 2TB D . 0.11 -1.90 -1.54
HN11 2TB D . 1.42 -4.13 -1.28
HN12 2TB D . 2.47 -3.13 -2.16
HN13 2TB D . 3.02 -3.97 -0.84
HN31 2TB D . -0.05 -1.21 3.72
HN32 2TB D . -0.33 -2.78 3.17
HN33 2TB D . 1.16 -2.37 3.82
HO5 2TB D . -0.35 0.99 -1.62
C1 TOA B . 1.69 0.74 -3.65
C2 TOA B . 2.35 -0.18 -4.70
C3 TOA B . 3.83 0.21 -4.89
C4 TOA B . 3.97 1.70 -5.15
C5 TOA B . 3.28 2.49 -4.05
C6 TOA B . 3.32 3.99 -4.25
O2 TOA B . 2.26 -1.54 -4.31
N3 TOA B . 4.56 -0.49 -6.02
O4 TOA B . 5.36 2.04 -5.19
O5 TOA B . 1.89 2.10 -3.97
O6 TOA B . 4.62 4.51 -4.02
H1 TOA B . 0.60 0.66 -3.66
H2 TOA B . 1.87 0.00 -5.67
H3 TOA B . 4.39 0.02 -3.96
H4 TOA B . 3.48 1.97 -6.10
H5 TOA B . 3.74 2.28 -3.06
H61 TOA B . 2.55 4.47 -3.61
H62 TOA B . 3.02 4.22 -5.28
HO2 TOA B . 1.46 -1.94 -4.72
HN31 TOA B . 5.49 -0.01 -6.05
HN32 TOA B . 4.80 -1.50 -5.87
HN33 TOA B . 4.10 -0.40 -6.96
HO4 TOA B . 5.50 3.00 -5.29
HO6 TOA B . 4.54 5.25 -3.40
C1 TOC C . -2.18 0.27 0.89
C2 TOC C . -2.18 1.80 1.14
C3 TOC C . -2.39 2.13 2.62
C4 TOC C . -3.63 1.41 3.13
C5 TOC C . -3.46 -0.09 2.91
C6 TOC C . -4.67 -0.86 3.41
N2 TOC C . -0.86 2.38 0.75
N6 TOC C . -4.88 -0.53 4.85
O4 TOC C . -3.82 1.68 4.51
O5 TOC C . -3.30 -0.36 1.51
H1 TOC C . -2.34 0.04 -0.18
H2 TOC C . -2.98 2.21 0.52
H3 TOC C . -2.49 3.22 2.75
H32 TOC C . -1.53 1.81 3.22
H4 TOC C . -4.51 1.75 2.54
H5 TOC C . -2.57 -0.41 3.47
H61 TOC C . -4.49 -1.94 3.29
H62 TOC C . -5.56 -0.58 2.82
HN21 TOC C . -0.11 2.04 1.38
HN22 TOC C . -0.62 2.09 -0.24
HN23 TOC C . -0.90 3.42 0.80
HN61 TOC C . -5.80 -0.82 5.21
HN62 TOC C . -4.13 -0.93 5.47
HN63 TOC C . -4.77 0.52 4.92
HO4 TOC C . -3.92 2.66 4.66
C1 2TB D . 2.40 -1.55 -0.97
C2 2TB D . 1.63 -2.62 -0.21
C3 2TB D . 0.77 -1.97 0.88
C4 2TB D . -0.20 -0.96 0.25
C5 2TB D . 0.56 0.10 -0.57
C6 2TB D . 1.43 -0.57 -1.64
N1 2TB D . 3.33 -2.06 -1.98
N3 2TB D . 0.02 -3.08 1.58
O5 2TB D . -0.36 1.00 -1.18
O4 2TB D . -0.96 -0.30 1.30
O6 2TB D . 2.17 0.42 -2.37
H1 2TB D . 3.05 -0.99 -0.27
H21 2TB D . 2.33 -3.36 0.21
H22 2TB D . 0.99 -3.16 -0.92
H3 2TB D . 1.43 -1.47 1.60
H4 2TB D . -0.88 -1.49 -0.44
H5 2TB D . 1.22 0.64 0.13
H6 2TB D . 0.77 -1.15 -2.30
HN11 2TB D . 2.87 -2.36 -2.87
HN12 2TB D . 3.97 -1.27 -2.21
HN13 2TB D . 3.94 -2.83 -1.62
HN31 2TB D . -0.44 -2.71 2.43
HN32 2TB D . -0.69 -3.54 0.98
HN33 2TB D . 0.67 -3.85 1.89
HO5 2TB D . -0.75 0.69 -2.01
C1 TOA B . 0.73 -0.61 -3.18
C2 TOA B . 1.55 -0.61 -4.46
C3 TOA B . 2.63 0.48 -4.38
C4 TOA B . 2.04 1.84 -4.00
C5 TOA B . 1.10 1.72 -2.79
C6 TOA B . 0.31 2.98 -2.50
O2 TOA B . 2.18 -1.88 -4.63
N3 TOA B . 3.39 0.70 -5.66
O4 TOA B . 3.09 2.74 -3.70
O5 TOA B . 0.14 0.67 -3.02
O6 TOA B . -0.52 2.82 -1.35
H1 TOA B . -0.10 -1.35 -3.22
H2 TOA B . 0.86 -0.40 -5.27
H3 TOA B . 3.38 0.18 -3.65
H4 TOA B . 1.45 2.23 -4.82
H5 TOA B . 1.70 1.47 -1.90
H61 TOA B . -0.31 3.20 -3.38
H62 TOA B . 0.97 3.86 -2.38
HO2 TOA B . 1.54 -2.58 -4.86
HN31 TOA B . 4.07 1.45 -5.47
HN32 TOA B . 3.93 -0.15 -5.94
HN33 TOA B . 2.81 0.97 -6.48
HO4 TOA B . 2.83 3.65 -3.51
HO6 TOA B . -1.41 3.15 -1.61
C1 TOC C . -2.03 0.01 1.88
C2 TOC C . -2.27 1.52 1.94
C3 TOC C . -2.32 2.03 3.38
C4 TOC C . -3.34 1.21 4.15
C5 TOC C . -2.95 -0.26 4.10
C6 TOC C . -3.93 -1.12 4.86
N2 TOC C . -1.14 2.24 1.24
N6 TOC C . -4.01 -0.63 6.28
O4 TOC C . -3.42 1.65 5.50
O5 TOC C . -2.94 -0.70 2.73
H1 TOC C . -2.31 -0.39 0.90
H2 TOC C . -3.23 1.74 1.44
H3 TOC C . -2.56 3.11 3.40
H32 TOC C . -1.34 1.90 3.87
H4 TOC C . -4.29 1.25 3.59
H5 TOC C . -1.93 -0.38 4.48
H61 TOC C . -3.59 -2.18 4.85
H62 TOC C . -4.93 -1.07 4.39
HN21 TOC C . -0.22 2.00 1.66
HN22 TOC C . -1.05 2.13 0.20
HN23 TOC C . -1.28 3.27 1.38
HN61 TOC C . -4.82 -1.02 6.80
HN62 TOC C . -3.13 -0.80 6.82
HN63 TOC C . -4.10 0.42 6.20
HO4 TOC C . -3.65 2.60 5.56
C1 2TB D . 2.06 -2.44 -0.29
C2 2TB D . 1.65 -3.00 1.07
C3 2TB D . 1.09 -1.91 1.99
C4 2TB D . -0.11 -1.27 1.31
C5 2TB D . 0.31 -0.61 -0.01
C6 2TB D . 0.95 -1.62 -0.98
N1 2TB D . 2.44 -3.53 -1.22
N3 2TB D . 0.73 -2.47 3.33
O5 2TB D . -0.85 -0.06 -0.61
O4 2TB D . -0.69 -0.28 2.19
O6 2TB D . 1.56 -0.92 -2.09
H1 2TB D . 2.94 -1.78 -0.16
H21 2TB D . 2.50 -3.49 1.54
H22 2TB D . 0.89 -3.77 0.95
H3 2TB D . 1.81 -1.08 2.15
H4 2TB D . -0.95 -1.98 1.19
H5 2TB D . 1.02 0.19 0.23
H6 2TB D . 0.16 -2.26 -1.36
HN11 2TB D . 3.27 -4.08 -0.86
HN12 2TB D . 1.66 -4.21 -1.43
HN13 2TB D . 2.75 -3.11 -2.13
HN31 2TB D . 0.18 -1.75 3.83
HN32 2TB D . 0.17 -3.35 3.26
HN33 2TB D . 1.57 -2.68 3.92
HO5 2TB D . -0.70 0.68 -1.20
C1 TOA B . 0.68 -0.57 -3.11
C2 TOA B . 1.62 -0.78 -4.30
C3 TOA B . 2.82 0.15 -4.14
C4 TOA B . 2.35 1.61 -4.02
C5 TOA B . 1.32 1.72 -2.88
C6 TOA B . 0.70 3.10 -2.76
O2 TOA B . 2.07 -2.14 -4.34
N3 TOA B . 3.92 0.14 -5.15
O4 TOA B . 3.47 2.44 -3.76
O5 TOA B . 0.25 0.77 -3.10
O6 TOA B . -0.36 3.10 -1.81
H1 TOA B . -0.22 -1.22 -3.18
H2 TOA B . 1.06 -0.52 -5.19
H3 TOA B . 3.26 -0.04 -3.16
H4 TOA B . 1.85 1.91 -4.96
H5 TOA B . 1.78 1.47 -1.92
H61 TOA B . 0.36 3.42 -3.75
H62 TOA B . 1.46 3.83 -2.47
HO2 TOA B . 1.39 -2.73 -4.66
HN31 TOA B . 4.48 1.00 -4.95
HN32 TOA B . 4.57 -0.66 -4.98
HN33 TOA B . 3.63 0.15 -6.16
HO4 TOA B . 3.26 3.38 -3.64
HO6 TOA B . -0.96 3.75 -2.20
C1 TOC C . -2.36 0.17 1.93
C2 TOC C . -2.62 1.68 1.80
C3 TOC C . -2.59 2.36 3.17
C4 TOC C . -3.54 1.64 4.10
C5 TOC C . -3.15 0.19 4.20
C6 TOC C . -4.10 -0.58 5.11
N2 TOC C . -1.58 2.29 0.90
N6 TOC C . -4.08 0.09 6.46
O4 TOC C . -3.50 2.25 5.39
O5 TOC C . -3.22 -0.42 2.90
H1 TOC C . -2.63 -0.35 0.99
H2 TOC C . -3.60 1.73 1.30
H3 TOC C . -2.83 3.43 3.07
H32 TOC C . -1.59 2.26 3.61
H4 TOC C . -4.52 1.65 3.58
H5 TOC C . -2.11 0.08 4.52
H61 TOC C . -3.76 -1.63 5.22
H62 TOC C . -5.12 -0.56 4.70
HN21 TOC C . -1.92 3.19 0.48
HN22 TOC C . -0.71 2.49 1.44
HN23 TOC C . -1.36 1.63 0.12
HN61 TOC C . -4.88 -0.20 7.07
HN62 TOC C . -3.19 -0.04 6.98
HN63 TOC C . -4.14 1.13 6.25
HO4 TOC C . -3.48 3.23 5.34
C1 2TB D . 1.63 -2.48 -0.16
C2 2TB D . 1.18 -2.93 1.24
C3 2TB D . 0.74 -1.76 2.10
C4 2TB D . -0.42 -1.07 1.39
C5 2TB D . 0.08 -0.45 0.08
C6 2TB D . 0.65 -1.54 -0.87
N1 2TB D . 1.95 -3.64 -1.05
N3 2TB D . 0.39 -2.20 3.50
O5 2TB D . -0.99 0.23 -0.55
O4 2TB D . -1.01 -0.06 2.21
O6 2TB D . 1.37 -0.89 -1.94
H1 2TB D . 2.55 -1.87 -0.10
H21 2TB D . 1.99 -3.48 1.73
H22 2TB D . 0.34 -3.62 1.15
H3 2TB D . 1.55 -1.00 2.18
H4 2TB D . -1.28 -1.75 1.28
H5 2TB D . 0.90 0.25 0.30
H6 2TB D . -0.19 -2.11 -1.30
HN11 2TB D . 2.79 -4.18 -0.72
HN12 2TB D . 1.17 -4.34 -1.13
HN13 2TB D . 2.18 -3.32 -2.01
HN31 2TB D . 0.03 -1.37 4.02
HN32 2TB D . -0.33 -2.94 3.50
HN33 2TB D . 1.21 -2.56 4.04
HO5 2TB D . -0.75 0.73 -1.34
C1 TOA B . 0.90 -0.06 -3.20
C2 TOA B . 1.56 -0.63 -4.46
C3 TOA B . 2.89 0.09 -4.71
C4 TOA B . 2.64 1.59 -4.82
C5 TOA B . 1.97 2.08 -3.53
C6 TOA B . 1.62 3.56 -3.56
O2 TOA B . 1.79 -2.03 -4.31
N3 TOA B . 3.78 -0.26 -5.86
O4 TOA B . 3.88 2.25 -5.04
O5 TOA B . 0.74 1.34 -3.32
O6 TOA B . 2.77 4.33 -3.90
H1 TOA B . -0.12 -0.47 -3.07
H2 TOA B . 0.90 -0.41 -5.33
H3 TOA B . 3.48 0.01 -3.80
H4 TOA B . 1.94 1.76 -5.66
H5 TOA B . 2.68 1.90 -2.72
H61 TOA B . 1.23 3.89 -2.59
H62 TOA B . 0.82 3.73 -4.27
HO2 TOA B . 0.98 -2.55 -4.50
HN31 TOA B . 4.37 -1.09 -5.66
HN32 TOA B . 3.32 -0.34 -6.79
HN33 TOA B . 4.42 0.57 -5.89
HO4 TOA B . 3.72 3.15 -5.37
HO6 TOA B . 2.96 5.06 -3.28
C1 TOC C . -2.07 0.24 1.77
C2 TOC C . -2.29 1.76 1.78
C3 TOC C . -2.38 2.30 3.20
C4 TOC C . -3.41 1.51 3.97
C5 TOC C . -3.04 0.03 3.96
C6 TOC C . -4.05 -0.81 4.72
N2 TOC C . -1.17 2.43 1.07
N6 TOC C . -4.12 -0.27 6.12
O4 TOC C . -3.51 1.98 5.31
O5 TOC C . -3.01 -0.43 2.60
H1 TOC C . -2.30 -0.16 0.76
H2 TOC C . -3.24 1.94 1.22
H3 TOC C . -2.60 3.38 3.19
H32 TOC C . -1.41 2.18 3.72
H4 TOC C . -4.34 1.56 3.39
H5 TOC C . -2.02 -0.11 4.33
H61 TOC C . -3.72 -1.86 4.73
H62 TOC C . -5.04 -0.74 4.24
HN21 TOC C . -0.29 2.38 1.63
HN22 TOC C . -1.00 1.88 0.19
HN23 TOC C . -1.34 3.43 0.82
HN61 TOC C . -3.27 -0.45 6.67
HN62 TOC C . -4.20 0.77 6.02
HN63 TOC C . -4.95 -0.63 6.65
HO4 TOC C . -3.70 2.94 5.29
C1 2TB D . 2.07 -2.08 -0.39
C2 2TB D . 1.60 -2.72 0.91
C3 2TB D . 1.04 -1.69 1.89
C4 2TB D . -0.11 -0.96 1.21
C5 2TB D . 0.45 -0.18 0.00
C6 2TB D . 1.03 -1.15 -1.03
N1 2TB D . 2.39 -3.14 -1.41
N3 2TB D . 0.59 -2.34 3.18
O5 2TB D . -0.60 0.59 -0.59
O4 2TB D . -0.75 -0.04 2.11
O6 2TB D . 1.68 -0.40 -2.09
H1 2TB D . 2.98 -1.48 -0.23
H21 2TB D . 2.44 -3.25 1.38
H22 2TB D . 0.84 -3.48 0.71
H3 2TB D . 1.78 -0.91 2.15
H4 2TB D . -0.95 -1.63 0.98
H5 2TB D . 1.25 0.48 0.32
H6 2TB D . 0.20 -1.76 -1.43
HN11 2TB D . 1.59 -3.80 -1.54
HN12 2TB D . 2.61 -2.71 -2.34
HN13 2TB D . 3.23 -3.68 -1.11
HN31 2TB D . 1.41 -2.62 3.79
HN32 2TB D . 0.05 -1.66 3.72
HN33 2TB D . 0.00 -3.18 3.02
HO5 2TB D . -0.32 1.00 -1.42
#